data_2PE1
#
_entry.id   2PE1
#
_cell.length_a   125.234
_cell.length_b   125.234
_cell.length_c   47.696
_cell.angle_alpha   90.00
_cell.angle_beta   90.00
_cell.angle_gamma   120.00
#
_symmetry.space_group_name_H-M   'P 32 2 1'
#
loop_
_entity.id
_entity.type
_entity.pdbx_description
1 polymer '3-phosphoinositide-dependent protein kinase 1'
2 non-polymer 'SULFATE ION'
3 non-polymer 1-{2-OXO-3-[(1R)-1-(1H-PYRROL-2-YL)ETHYL]-2H-INDOL-5-YL}UREA
4 non-polymer GLYCEROL
5 water water
#
_entity_poly.entity_id   1
_entity_poly.type   'polypeptide(L)'
_entity_poly.pdbx_seq_one_letter_code
;PRKKRPEDFKFGKILGEGSFSTVVLARELATSREYAIKILEKRHIIKENKVPYVTRERDVMSRLDHPFFVKLYFTFQDDE
KLYFGLSYAKNGELLKYIRKIGSFDETCTRFYTAEIVSALEYLHGKGIIHRDLKPENILLNEDMHIQITDFGTAKVLSPE
SKQARAN(SEP)FVGTAQYVSPELLTEKSACKSSDLWALGCIIYQLVAGLPPFRAGNEYLIFQKIIKLEYDFPEKFFPKA
RDLVEKLLVLDATKRLGCEEMEGYGPLKAHPFFESVTWENLHQQTPPKLT
;
_entity_poly.pdbx_strand_id   A
#
loop_
_chem_comp.id
_chem_comp.type
_chem_comp.name
_chem_comp.formula
517 non-polymer 1-{2-OXO-3-[(1R)-1-(1H-PYRROL-2-YL)ETHYL]-2H-INDOL-5-YL}UREA 'C15 H14 N4 O2'
GOL non-polymer GLYCEROL 'C3 H8 O3'
SO4 non-polymer 'SULFATE ION' 'O4 S -2'
#
# COMPACT_ATOMS: atom_id res chain seq x y z
N PRO A 1 1.29 -28.99 10.98
CA PRO A 1 1.98 -28.10 11.92
C PRO A 1 1.04 -27.61 13.03
N ARG A 2 1.27 -28.09 14.25
CA ARG A 2 0.36 -27.79 15.37
C ARG A 2 0.12 -26.29 15.50
N LYS A 3 -1.12 -25.91 15.82
CA LYS A 3 -1.45 -24.50 15.97
C LYS A 3 -0.65 -23.87 17.10
N LYS A 4 -0.26 -22.62 16.91
CA LYS A 4 0.52 -21.89 17.90
C LYS A 4 -0.39 -21.18 18.90
N ARG A 5 0.18 -20.84 20.04
CA ARG A 5 -0.56 -20.19 21.12
C ARG A 5 0.17 -18.92 21.53
N PRO A 6 -0.49 -18.08 22.33
CA PRO A 6 0.16 -16.88 22.87
C PRO A 6 1.42 -17.20 23.65
N GLU A 7 1.43 -18.37 24.31
CA GLU A 7 2.53 -18.75 25.19
C GLU A 7 3.78 -19.21 24.42
N ASP A 8 3.62 -19.39 23.11
CA ASP A 8 4.74 -19.80 22.26
C ASP A 8 5.66 -18.62 21.94
N PHE A 9 5.29 -17.44 22.41
CA PHE A 9 5.92 -16.21 21.95
C PHE A 9 6.40 -15.34 23.10
N LYS A 10 7.50 -14.63 22.89
CA LYS A 10 7.81 -13.49 23.74
C LYS A 10 7.38 -12.22 23.03
N PHE A 11 6.32 -11.57 23.54
CA PHE A 11 5.84 -10.34 22.94
C PHE A 11 6.66 -9.12 23.34
N GLY A 12 6.79 -8.16 22.44
CA GLY A 12 7.59 -6.97 22.67
C GLY A 12 6.83 -5.68 22.42
N LYS A 13 7.40 -4.77 21.64
CA LYS A 13 6.85 -3.42 21.52
C LYS A 13 5.74 -3.29 20.48
N ILE A 14 4.89 -2.28 20.62
CA ILE A 14 3.85 -1.99 19.64
C ILE A 14 4.49 -1.46 18.36
N LEU A 15 4.16 -2.07 17.23
CA LEU A 15 4.69 -1.64 15.93
C LEU A 15 3.75 -0.67 15.22
N GLY A 16 2.45 -0.85 15.41
CA GLY A 16 1.47 -0.04 14.72
C GLY A 16 0.08 -0.15 15.34
N GLU A 17 -0.80 0.81 15.04
CA GLU A 17 -2.11 0.84 15.66
C GLU A 17 -3.18 1.42 14.76
N GLY A 18 -4.26 0.67 14.58
CA GLY A 18 -5.41 1.17 13.85
C GLY A 18 -6.64 1.18 14.72
N SER A 19 -7.82 1.33 14.12
CA SER A 19 -9.07 1.43 14.86
C SER A 19 -9.59 0.07 15.32
N PHE A 20 -9.05 -0.99 14.73
CA PHE A 20 -9.54 -2.33 15.00
C PHE A 20 -8.43 -3.33 15.30
N SER A 21 -7.18 -2.96 15.03
CA SER A 21 -6.05 -3.86 15.26
C SER A 21 -4.87 -3.16 15.95
N THR A 22 -4.04 -3.97 16.61
CA THR A 22 -2.74 -3.55 17.11
C THR A 22 -1.71 -4.54 16.57
N VAL A 23 -0.63 -4.06 15.96
CA VAL A 23 0.43 -4.94 15.51
C VAL A 23 1.59 -4.94 16.51
N VAL A 24 1.90 -6.10 17.09
CA VAL A 24 2.97 -6.20 18.09
C VAL A 24 4.11 -7.09 17.60
N LEU A 25 5.34 -6.72 17.96
CA LEU A 25 6.52 -7.53 17.61
C LEU A 25 6.63 -8.75 18.55
N ALA A 26 6.90 -9.93 17.99
CA ALA A 26 6.99 -11.13 18.83
C ALA A 26 8.12 -12.05 18.40
N ARG A 27 8.79 -12.65 19.38
CA ARG A 27 9.80 -13.64 19.07
C ARG A 27 9.28 -15.05 19.40
N GLU A 28 9.26 -15.92 18.40
CA GLU A 28 8.90 -17.31 18.63
C GLU A 28 10.03 -17.91 19.44
N LEU A 29 9.70 -18.58 20.54
CA LEU A 29 10.71 -19.07 21.49
C LEU A 29 11.48 -20.28 20.95
N ALA A 30 10.80 -21.10 20.16
CA ALA A 30 11.37 -22.36 19.73
C ALA A 30 12.31 -22.20 18.54
N THR A 31 12.29 -21.03 17.90
CA THR A 31 13.04 -20.79 16.67
C THR A 31 13.82 -19.49 16.75
N SER A 32 13.43 -18.65 17.71
CA SER A 32 13.89 -17.26 17.83
C SER A 32 13.58 -16.36 16.62
N ARG A 33 12.64 -16.81 15.80
CA ARG A 33 12.15 -15.99 14.70
C ARG A 33 11.32 -14.81 15.18
N GLU A 34 11.48 -13.67 14.54
CA GLU A 34 10.64 -12.50 14.81
C GLU A 34 9.47 -12.40 13.83
N TYR A 35 8.28 -12.13 14.36
CA TYR A 35 7.09 -11.91 13.53
C TYR A 35 6.38 -10.64 13.97
N ALA A 36 5.66 -10.03 13.05
CA ALA A 36 4.74 -8.94 13.37
C ALA A 36 3.35 -9.56 13.55
N ILE A 37 2.89 -9.72 14.79
CA ILE A 37 1.59 -10.34 15.05
C ILE A 37 0.48 -9.29 15.21
N LYS A 38 -0.52 -9.35 14.34
CA LYS A 38 -1.63 -8.40 14.38
C LYS A 38 -2.75 -8.92 15.28
N ILE A 39 -3.11 -8.17 16.32
CA ILE A 39 -4.12 -8.66 17.26
C ILE A 39 -5.47 -7.93 17.15
N LEU A 40 -6.56 -8.69 17.05
CA LEU A 40 -7.89 -8.11 16.92
C LEU A 40 -8.85 -8.61 18.00
N GLU A 41 -9.54 -7.68 18.65
CA GLU A 41 -10.48 -8.01 19.73
C GLU A 41 -11.82 -8.43 19.14
N LYS A 42 -12.21 -9.68 19.38
CA LYS A 42 -13.39 -10.27 18.73
C LYS A 42 -14.67 -9.48 19.03
N ARG A 43 -14.78 -8.97 20.25
CA ARG A 43 -15.99 -8.29 20.70
C ARG A 43 -16.14 -6.94 20.00
N HIS A 44 -15.03 -6.24 19.87
CA HIS A 44 -15.02 -4.95 19.20
C HIS A 44 -15.29 -5.12 17.72
N ILE A 45 -14.77 -6.21 17.15
CA ILE A 45 -14.96 -6.50 15.73
C ILE A 45 -16.44 -6.74 15.42
N ILE A 46 -17.07 -7.50 16.31
CA ILE A 46 -18.48 -7.85 16.18
C ILE A 46 -19.40 -6.65 16.38
N LYS A 47 -19.17 -5.86 17.43
CA LYS A 47 -20.10 -4.78 17.73
C LYS A 47 -20.03 -3.72 16.64
N GLU A 48 -18.94 -3.72 15.87
CA GLU A 48 -18.77 -2.76 14.79
C GLU A 48 -19.08 -3.34 13.43
N ASN A 49 -19.59 -4.57 13.41
CA ASN A 49 -19.93 -5.24 12.16
C ASN A 49 -18.72 -5.24 11.21
N LYS A 50 -17.61 -5.82 11.66
CA LYS A 50 -16.40 -5.90 10.84
C LYS A 50 -16.03 -7.32 10.45
N VAL A 51 -16.81 -8.30 10.91
CA VAL A 51 -16.45 -9.68 10.63
C VAL A 51 -16.08 -9.88 9.15
N PRO A 52 -16.85 -9.29 8.22
CA PRO A 52 -16.57 -9.48 6.79
C PRO A 52 -15.22 -8.90 6.34
N TYR A 53 -14.74 -7.88 7.02
CA TYR A 53 -13.48 -7.25 6.66
C TYR A 53 -12.32 -8.10 7.16
N VAL A 54 -12.53 -8.73 8.31
CA VAL A 54 -11.51 -9.59 8.90
C VAL A 54 -11.39 -10.89 8.13
N THR A 55 -12.50 -11.42 7.66
CA THR A 55 -12.43 -12.68 6.93
C THR A 55 -11.84 -12.41 5.55
N ARG A 56 -12.11 -11.24 4.99
CA ARG A 56 -11.58 -10.90 3.67
C ARG A 56 -10.07 -10.72 3.70
N GLU A 57 -9.56 -10.04 4.72
CA GLU A 57 -8.13 -9.85 4.87
C GLU A 57 -7.41 -11.19 4.91
N ARG A 58 -7.91 -12.11 5.72
CA ARG A 58 -7.33 -13.45 5.84
C ARG A 58 -7.37 -14.20 4.52
N ASP A 59 -8.49 -14.11 3.82
CA ASP A 59 -8.69 -14.84 2.58
C ASP A 59 -7.81 -14.29 1.46
N VAL A 60 -7.70 -12.98 1.36
CA VAL A 60 -6.83 -12.35 0.37
C VAL A 60 -5.36 -12.66 0.63
N MET A 61 -4.92 -12.46 1.87
CA MET A 61 -3.52 -12.69 2.21
C MET A 61 -3.14 -14.14 2.04
N SER A 62 -4.13 -15.02 2.03
CA SER A 62 -3.88 -16.43 1.76
C SER A 62 -3.57 -16.68 0.30
N ARG A 63 -4.03 -15.79 -0.58
CA ARG A 63 -3.89 -16.02 -2.01
C ARG A 63 -2.64 -15.37 -2.59
N LEU A 64 -2.01 -14.48 -1.83
CA LEU A 64 -0.86 -13.76 -2.33
C LEU A 64 0.42 -14.56 -2.18
N ASP A 65 1.25 -14.56 -3.22
CA ASP A 65 2.51 -15.29 -3.23
C ASP A 65 3.53 -14.55 -4.09
N HIS A 66 3.96 -13.40 -3.60
CA HIS A 66 4.82 -12.50 -4.34
C HIS A 66 5.67 -11.78 -3.30
N PRO A 67 6.94 -11.50 -3.62
CA PRO A 67 7.86 -10.87 -2.67
C PRO A 67 7.57 -9.44 -2.23
N PHE A 68 6.71 -8.73 -2.96
CA PHE A 68 6.37 -7.34 -2.64
C PHE A 68 5.11 -7.23 -1.75
N PHE A 69 4.78 -8.31 -1.05
CA PHE A 69 3.62 -8.31 -0.18
C PHE A 69 3.97 -8.96 1.14
N VAL A 70 3.52 -8.32 2.23
CA VAL A 70 3.61 -8.93 3.55
C VAL A 70 2.99 -10.31 3.43
N LYS A 71 3.53 -11.29 4.15
CA LYS A 71 3.04 -12.67 4.10
C LYS A 71 2.34 -13.08 5.39
N LEU A 72 1.28 -13.89 5.27
CA LEU A 72 0.60 -14.49 6.42
C LEU A 72 1.12 -15.89 6.71
N TYR A 73 1.86 -16.03 7.80
CA TYR A 73 2.47 -17.30 8.17
C TYR A 73 1.54 -18.21 8.97
N PHE A 74 0.82 -17.64 9.93
CA PHE A 74 -0.06 -18.45 10.77
C PHE A 74 -1.15 -17.59 11.37
N THR A 75 -2.23 -18.23 11.81
CA THR A 75 -3.25 -17.57 12.63
C THR A 75 -3.62 -18.51 13.79
N PHE A 76 -4.06 -17.93 14.91
CA PHE A 76 -4.72 -18.68 15.97
C PHE A 76 -5.66 -17.76 16.75
N GLN A 77 -6.36 -18.30 17.76
CA GLN A 77 -7.17 -17.44 18.62
C GLN A 77 -7.27 -17.95 20.04
N ASP A 78 -7.48 -17.02 20.97
CA ASP A 78 -7.80 -17.40 22.35
C ASP A 78 -9.24 -16.99 22.61
N ASP A 79 -9.59 -16.71 23.86
CA ASP A 79 -10.98 -16.39 24.18
C ASP A 79 -11.43 -15.02 23.68
N GLU A 80 -10.56 -14.02 23.78
CA GLU A 80 -10.95 -12.65 23.45
C GLU A 80 -10.41 -12.13 22.12
N LYS A 81 -9.36 -12.76 21.60
CA LYS A 81 -8.62 -12.18 20.47
C LYS A 81 -8.31 -13.14 19.32
N LEU A 82 -8.21 -12.57 18.12
CA LEU A 82 -7.61 -13.24 16.96
C LEU A 82 -6.15 -12.80 16.84
N TYR A 83 -5.31 -13.69 16.33
CA TYR A 83 -3.89 -13.39 16.15
C TYR A 83 -3.48 -13.73 14.72
N PHE A 84 -2.91 -12.78 13.99
CA PHE A 84 -2.37 -13.03 12.64
C PHE A 84 -0.85 -12.85 12.62
N GLY A 85 -0.10 -13.92 12.40
CA GLY A 85 1.35 -13.80 12.36
C GLY A 85 1.87 -13.38 11.00
N LEU A 86 2.39 -12.16 10.89
CA LEU A 86 2.80 -11.61 9.60
C LEU A 86 4.30 -11.33 9.51
N SER A 87 4.78 -10.96 8.32
CA SER A 87 6.18 -10.56 8.13
C SER A 87 6.54 -9.34 8.99
N TYR A 88 7.66 -9.43 9.70
CA TYR A 88 8.25 -8.27 10.35
C TYR A 88 9.15 -7.56 9.34
N ALA A 89 8.73 -6.38 8.88
CA ALA A 89 9.54 -5.60 7.94
C ALA A 89 10.41 -4.65 8.74
N LYS A 90 11.67 -4.99 8.91
CA LYS A 90 12.54 -4.35 9.90
C LYS A 90 12.55 -2.83 9.81
N ASN A 91 12.57 -2.31 8.58
CA ASN A 91 12.71 -0.88 8.36
C ASN A 91 11.42 -0.06 8.34
N GLY A 92 10.29 -0.69 8.66
CA GLY A 92 9.06 0.08 8.83
C GLY A 92 8.49 0.73 7.57
N GLU A 93 7.79 1.84 7.76
CA GLU A 93 6.94 2.44 6.75
C GLU A 93 7.66 3.45 5.85
N LEU A 94 7.27 3.46 4.57
CA LEU A 94 7.82 4.37 3.58
C LEU A 94 7.61 5.84 3.98
N LEU A 95 6.49 6.11 4.65
CA LEU A 95 6.15 7.46 5.08
C LEU A 95 7.24 8.08 5.97
N LYS A 96 7.90 7.24 6.76
CA LYS A 96 8.95 7.72 7.66
C LYS A 96 10.18 8.20 6.89
N TYR A 97 10.49 7.56 5.77
CA TYR A 97 11.63 7.98 4.95
C TYR A 97 11.35 9.25 4.16
N ILE A 98 10.10 9.42 3.73
CA ILE A 98 9.72 10.64 3.03
C ILE A 98 9.82 11.82 4.00
N ARG A 99 9.54 11.57 5.28
CA ARG A 99 9.66 12.61 6.28
C ARG A 99 11.13 12.80 6.63
N LYS A 100 11.83 11.69 6.79
CA LYS A 100 13.20 11.72 7.28
C LYS A 100 14.14 12.40 6.30
N ILE A 101 14.12 11.97 5.05
CA ILE A 101 15.05 12.53 4.06
C ILE A 101 14.38 13.64 3.27
N GLY A 102 13.07 13.79 3.47
CA GLY A 102 12.37 14.94 2.93
C GLY A 102 11.78 14.75 1.55
N SER A 103 12.54 14.15 0.66
CA SER A 103 12.16 14.09 -0.75
C SER A 103 13.20 13.26 -1.50
N PHE A 104 12.75 12.40 -2.41
CA PHE A 104 13.63 11.44 -3.09
C PHE A 104 14.25 12.04 -4.34
N ASP A 105 15.46 11.60 -4.69
CA ASP A 105 16.05 11.95 -5.99
C ASP A 105 15.47 11.04 -7.07
N GLU A 106 15.79 11.31 -8.32
CA GLU A 106 15.12 10.66 -9.44
C GLU A 106 15.42 9.17 -9.53
N THR A 107 16.64 8.81 -9.14
CA THR A 107 17.04 7.41 -9.10
C THR A 107 16.18 6.61 -8.13
N CYS A 108 15.90 7.19 -6.98
CA CYS A 108 15.19 6.50 -5.93
C CYS A 108 13.68 6.48 -6.16
N THR A 109 13.12 7.56 -6.68
CA THR A 109 11.70 7.56 -6.98
C THR A 109 11.44 6.56 -8.12
N ARG A 110 12.30 6.57 -9.13
CA ARG A 110 12.15 5.64 -10.24
C ARG A 110 12.17 4.18 -9.79
N PHE A 111 13.11 3.80 -8.93
CA PHE A 111 13.21 2.42 -8.46
C PHE A 111 12.01 2.00 -7.59
N TYR A 112 11.67 2.84 -6.62
CA TYR A 112 10.58 2.50 -5.73
C TYR A 112 9.23 2.58 -6.43
N THR A 113 9.06 3.54 -7.34
CA THR A 113 7.87 3.60 -8.16
C THR A 113 7.69 2.31 -8.98
N ALA A 114 8.79 1.74 -9.45
CA ALA A 114 8.70 0.57 -10.31
C ALA A 114 8.34 -0.67 -9.50
N GLU A 115 8.83 -0.76 -8.27
CA GLU A 115 8.48 -1.88 -7.39
C GLU A 115 6.98 -1.81 -7.09
N ILE A 116 6.45 -0.61 -6.90
CA ILE A 116 5.03 -0.48 -6.60
C ILE A 116 4.19 -0.87 -7.83
N VAL A 117 4.71 -0.59 -9.02
CA VAL A 117 3.98 -0.87 -10.25
C VAL A 117 3.99 -2.37 -10.54
N SER A 118 5.11 -3.03 -10.23
CA SER A 118 5.17 -4.49 -10.33
C SER A 118 4.19 -5.14 -9.36
N ALA A 119 4.08 -4.57 -8.15
CA ALA A 119 3.19 -5.11 -7.13
C ALA A 119 1.74 -5.03 -7.56
N LEU A 120 1.38 -3.92 -8.21
CA LEU A 120 -0.01 -3.66 -8.53
C LEU A 120 -0.43 -4.55 -9.70
N GLU A 121 0.51 -4.77 -10.63
CA GLU A 121 0.26 -5.68 -11.75
C GLU A 121 -0.07 -7.09 -11.27
N TYR A 122 0.62 -7.51 -10.22
CA TYR A 122 0.43 -8.86 -9.71
C TYR A 122 -0.91 -8.94 -9.01
N LEU A 123 -1.18 -7.96 -8.17
CA LEU A 123 -2.43 -7.88 -7.43
C LEU A 123 -3.62 -7.86 -8.40
N HIS A 124 -3.56 -6.94 -9.36
CA HIS A 124 -4.65 -6.76 -10.31
C HIS A 124 -4.85 -7.97 -11.21
N GLY A 125 -3.77 -8.70 -11.46
CA GLY A 125 -3.89 -9.94 -12.22
C GLY A 125 -4.62 -11.04 -11.46
N LYS A 126 -4.76 -10.89 -10.15
CA LYS A 126 -5.51 -11.84 -9.34
C LYS A 126 -6.92 -11.32 -9.12
N GLY A 127 -7.25 -10.23 -9.79
CA GLY A 127 -8.59 -9.65 -9.62
C GLY A 127 -8.81 -9.05 -8.25
N ILE A 128 -7.77 -8.48 -7.66
CA ILE A 128 -7.88 -7.90 -6.33
C ILE A 128 -7.51 -6.42 -6.37
N ILE A 129 -8.30 -5.60 -5.68
CA ILE A 129 -8.11 -4.16 -5.64
C ILE A 129 -7.86 -3.72 -4.20
N HIS A 130 -6.78 -2.99 -3.95
CA HIS A 130 -6.37 -2.66 -2.57
C HIS A 130 -7.34 -1.67 -1.92
N ARG A 131 -7.51 -0.51 -2.55
CA ARG A 131 -8.49 0.50 -2.14
C ARG A 131 -8.04 1.40 -0.99
N ASP A 132 -6.81 1.21 -0.52
CA ASP A 132 -6.27 2.09 0.50
C ASP A 132 -4.74 2.09 0.37
N LEU A 133 -4.26 2.18 -0.87
CA LEU A 133 -2.82 2.25 -1.14
C LEU A 133 -2.23 3.60 -0.71
N LYS A 134 -1.21 3.55 0.15
CA LYS A 134 -0.60 4.78 0.65
C LYS A 134 0.73 4.50 1.35
N PRO A 135 1.55 5.55 1.55
CA PRO A 135 2.89 5.40 2.12
C PRO A 135 2.93 4.63 3.44
N GLU A 136 1.91 4.82 4.27
CA GLU A 136 1.82 4.12 5.54
C GLU A 136 1.61 2.62 5.38
N ASN A 137 1.01 2.22 4.24
CA ASN A 137 0.73 0.83 3.93
C ASN A 137 1.81 0.18 3.07
N ILE A 138 2.87 0.93 2.77
CA ILE A 138 4.01 0.37 2.04
C ILE A 138 5.21 0.31 2.98
N LEU A 139 5.58 -0.90 3.39
CA LEU A 139 6.67 -1.12 4.32
C LEU A 139 8.00 -1.42 3.63
N LEU A 140 9.10 -1.27 4.37
CA LEU A 140 10.43 -1.62 3.87
C LEU A 140 11.10 -2.70 4.72
N ASN A 141 11.60 -3.74 4.06
CA ASN A 141 12.27 -4.83 4.76
C ASN A 141 13.73 -4.47 5.03
N GLU A 142 14.43 -5.35 5.75
CA GLU A 142 15.81 -5.11 6.14
C GLU A 142 16.71 -4.81 4.93
N ASP A 143 16.36 -5.35 3.77
CA ASP A 143 17.14 -5.10 2.55
C ASP A 143 16.58 -3.95 1.72
N MET A 144 15.60 -3.24 2.27
CA MET A 144 15.05 -2.05 1.65
C MET A 144 14.28 -2.26 0.33
N HIS A 145 13.74 -3.45 0.14
CA HIS A 145 12.64 -3.64 -0.83
C HIS A 145 11.29 -3.48 -0.13
N ILE A 146 10.26 -3.12 -0.90
CA ILE A 146 8.93 -2.85 -0.34
C ILE A 146 8.16 -4.13 -0.01
N GLN A 147 7.22 -4.01 0.94
CA GLN A 147 6.25 -5.05 1.22
C GLN A 147 4.92 -4.37 1.53
N ILE A 148 3.92 -4.57 0.68
CA ILE A 148 2.61 -3.92 0.85
C ILE A 148 1.66 -4.70 1.78
N THR A 149 0.91 -3.97 2.60
CA THR A 149 0.10 -4.61 3.64
C THR A 149 -1.28 -3.95 3.77
N ASP A 150 -2.05 -4.42 4.75
CA ASP A 150 -3.37 -3.83 5.10
C ASP A 150 -4.45 -4.18 4.06
N PHE A 151 -4.88 -5.43 4.05
CA PHE A 151 -5.82 -5.93 3.04
C PHE A 151 -7.25 -6.14 3.55
N GLY A 152 -7.52 -5.72 4.78
CA GLY A 152 -8.88 -5.82 5.30
C GLY A 152 -9.93 -5.19 4.39
N THR A 153 -9.60 -4.03 3.81
CA THR A 153 -10.56 -3.25 3.01
C THR A 153 -10.40 -3.40 1.50
N ALA A 154 -9.87 -4.53 1.07
CA ALA A 154 -9.69 -4.76 -0.36
C ALA A 154 -10.98 -5.28 -0.97
N LYS A 155 -11.05 -5.24 -2.30
CA LYS A 155 -12.19 -5.78 -3.01
C LYS A 155 -11.68 -6.88 -3.92
N VAL A 156 -12.26 -8.08 -3.79
CA VAL A 156 -11.91 -9.15 -4.71
C VAL A 156 -13.03 -9.38 -5.72
N LEU A 157 -12.73 -9.07 -6.98
CA LEU A 157 -13.73 -9.20 -8.04
C LEU A 157 -14.13 -10.66 -8.22
N SEP A 168 -18.68 0.71 -1.51
CA SEP A 168 -18.96 0.55 -0.09
CB SEP A 168 -18.94 -0.94 0.29
OG SEP A 168 -17.71 -1.55 -0.04
C SEP A 168 -17.97 1.32 0.78
O SEP A 168 -18.36 2.16 1.60
P SEP A 168 -17.31 -2.88 0.80
O1P SEP A 168 -18.48 -3.46 1.40
O2P SEP A 168 -16.41 -2.55 1.88
O3P SEP A 168 -16.68 -3.85 -0.05
N PHE A 169 -16.68 1.05 0.58
CA PHE A 169 -15.63 1.64 1.40
C PHE A 169 -14.86 2.71 0.64
N VAL A 170 -14.52 3.78 1.36
CA VAL A 170 -13.61 4.81 0.82
C VAL A 170 -12.32 4.82 1.63
N GLY A 171 -11.20 5.04 0.96
CA GLY A 171 -9.91 4.93 1.62
C GLY A 171 -9.53 6.14 2.46
N THR A 172 -8.28 6.58 2.31
CA THR A 172 -7.77 7.76 3.00
C THR A 172 -7.98 9.02 2.18
N ALA A 173 -8.44 10.09 2.84
CA ALA A 173 -8.89 11.30 2.15
C ALA A 173 -7.97 11.73 1.01
N GLN A 174 -6.68 11.86 1.30
CA GLN A 174 -5.75 12.43 0.33
C GLN A 174 -5.51 11.56 -0.88
N TYR A 175 -5.96 10.30 -0.82
CA TYR A 175 -5.73 9.35 -1.90
C TYR A 175 -6.99 8.83 -2.61
N VAL A 176 -8.17 9.19 -2.11
CA VAL A 176 -9.40 8.66 -2.75
C VAL A 176 -9.59 9.25 -4.14
N SER A 177 -10.06 8.42 -5.07
CA SER A 177 -10.26 8.88 -6.44
C SER A 177 -11.59 9.62 -6.59
N PRO A 178 -11.73 10.42 -7.66
CA PRO A 178 -12.96 11.18 -7.88
C PRO A 178 -14.23 10.35 -8.16
N GLU A 179 -14.06 9.12 -8.62
CA GLU A 179 -15.23 8.28 -8.85
C GLU A 179 -15.85 7.81 -7.54
N LEU A 180 -15.03 7.77 -6.49
CA LEU A 180 -15.52 7.47 -5.14
C LEU A 180 -16.38 8.61 -4.59
N LEU A 181 -16.07 9.84 -5.01
CA LEU A 181 -16.77 11.01 -4.47
C LEU A 181 -18.06 11.27 -5.22
N THR A 182 -18.33 10.46 -6.25
CA THR A 182 -19.60 10.51 -6.97
C THR A 182 -20.39 9.21 -6.81
N GLU A 183 -20.39 8.38 -7.85
CA GLU A 183 -21.12 7.11 -7.83
C GLU A 183 -20.71 6.20 -6.68
N LYS A 184 -19.61 6.56 -6.01
CA LYS A 184 -19.15 5.83 -4.84
C LYS A 184 -18.59 4.45 -5.22
N SER A 185 -18.23 4.31 -6.49
CA SER A 185 -17.70 3.04 -7.01
C SER A 185 -16.17 3.04 -7.04
N ALA A 186 -15.58 1.84 -7.02
CA ALA A 186 -14.13 1.70 -7.11
C ALA A 186 -13.74 0.56 -8.04
N CYS A 187 -12.54 0.64 -8.62
CA CYS A 187 -12.04 -0.39 -9.52
C CYS A 187 -10.52 -0.33 -9.58
N LYS A 188 -9.93 -1.11 -10.48
CA LYS A 188 -8.48 -1.11 -10.63
C LYS A 188 -7.93 0.28 -10.87
N SER A 189 -8.68 1.08 -11.62
CA SER A 189 -8.28 2.45 -11.93
C SER A 189 -8.13 3.29 -10.68
N SER A 190 -8.74 2.84 -9.58
CA SER A 190 -8.69 3.59 -8.33
C SER A 190 -7.32 3.46 -7.67
N ASP A 191 -6.73 2.26 -7.73
CA ASP A 191 -5.38 2.05 -7.20
C ASP A 191 -4.33 2.82 -8.03
N LEU A 192 -4.58 2.96 -9.32
CA LEU A 192 -3.72 3.75 -10.21
C LEU A 192 -3.74 5.25 -9.92
N TRP A 193 -4.89 5.75 -9.47
CA TRP A 193 -4.98 7.15 -9.04
C TRP A 193 -4.14 7.38 -7.80
N ALA A 194 -4.19 6.44 -6.85
CA ALA A 194 -3.39 6.55 -5.64
C ALA A 194 -1.90 6.38 -5.94
N LEU A 195 -1.58 5.56 -6.93
CA LEU A 195 -0.21 5.45 -7.41
C LEU A 195 0.31 6.80 -7.88
N GLY A 196 -0.48 7.50 -8.69
CA GLY A 196 -0.09 8.83 -9.14
C GLY A 196 0.10 9.82 -8.00
N CYS A 197 -0.73 9.71 -6.95
CA CYS A 197 -0.57 10.56 -5.76
C CYS A 197 0.74 10.28 -5.02
N ILE A 198 1.11 9.01 -4.93
CA ILE A 198 2.31 8.57 -4.19
C ILE A 198 3.59 8.96 -4.95
N ILE A 199 3.55 8.89 -6.27
CA ILE A 199 4.66 9.37 -7.09
C ILE A 199 4.89 10.87 -6.85
N TYR A 200 3.83 11.64 -6.86
CA TYR A 200 3.91 13.07 -6.61
C TYR A 200 4.59 13.29 -5.27
N GLN A 201 4.17 12.52 -4.27
CA GLN A 201 4.63 12.70 -2.90
C GLN A 201 6.08 12.26 -2.74
N LEU A 202 6.50 11.28 -3.54
CA LEU A 202 7.90 10.85 -3.55
C LEU A 202 8.79 12.01 -4.02
N VAL A 203 8.37 12.67 -5.10
CA VAL A 203 9.18 13.72 -5.72
C VAL A 203 9.11 15.06 -4.97
N ALA A 204 7.93 15.42 -4.50
CA ALA A 204 7.72 16.75 -3.92
C ALA A 204 7.75 16.75 -2.39
N GLY A 205 7.66 15.57 -1.79
CA GLY A 205 7.74 15.49 -0.34
C GLY A 205 6.39 15.61 0.33
N LEU A 206 5.38 16.01 -0.45
CA LEU A 206 4.01 16.17 0.04
C LEU A 206 3.02 15.62 -0.97
N PRO A 207 1.84 15.21 -0.50
CA PRO A 207 0.77 14.73 -1.37
C PRO A 207 0.07 15.90 -2.10
N PRO A 208 -0.46 15.65 -3.29
CA PRO A 208 -0.96 16.66 -4.25
C PRO A 208 -2.12 17.48 -3.72
N PHE A 209 -3.03 16.82 -3.01
CA PHE A 209 -4.26 17.45 -2.53
C PHE A 209 -4.24 17.60 -1.01
N ARG A 210 -3.94 18.81 -0.55
CA ARG A 210 -3.91 19.11 0.87
C ARG A 210 -4.87 20.26 1.15
N ALA A 211 -5.44 20.29 2.35
CA ALA A 211 -6.28 21.40 2.77
C ALA A 211 -6.67 21.21 4.23
N GLY A 212 -7.28 22.24 4.81
CA GLY A 212 -7.42 22.30 6.26
C GLY A 212 -8.41 21.31 6.84
N ASN A 213 -9.31 20.79 6.01
CA ASN A 213 -10.18 19.70 6.43
C ASN A 213 -10.60 18.83 5.28
N GLU A 214 -11.27 17.73 5.61
CA GLU A 214 -11.54 16.64 4.69
C GLU A 214 -12.48 17.04 3.55
N TYR A 215 -13.47 17.87 3.85
CA TYR A 215 -14.40 18.35 2.83
C TYR A 215 -13.68 19.20 1.79
N LEU A 216 -12.69 19.98 2.23
CA LEU A 216 -11.93 20.86 1.36
C LEU A 216 -11.03 20.07 0.42
N ILE A 217 -10.55 18.94 0.93
CA ILE A 217 -9.77 18.00 0.14
C ILE A 217 -10.63 17.36 -0.96
N PHE A 218 -11.83 16.95 -0.59
CA PHE A 218 -12.71 16.28 -1.54
C PHE A 218 -13.09 17.25 -2.65
N GLN A 219 -13.26 18.51 -2.28
CA GLN A 219 -13.57 19.56 -3.23
C GLN A 219 -12.46 19.73 -4.26
N LYS A 220 -11.20 19.76 -3.80
CA LYS A 220 -10.05 19.93 -4.68
C LYS A 220 -9.90 18.78 -5.67
N ILE A 221 -10.19 17.57 -5.20
CA ILE A 221 -10.00 16.38 -5.99
C ILE A 221 -10.94 16.33 -7.18
N ILE A 222 -12.20 16.68 -6.99
CA ILE A 222 -13.14 16.63 -8.10
C ILE A 222 -12.83 17.73 -9.12
N LYS A 223 -12.32 18.87 -8.64
CA LYS A 223 -11.94 19.96 -9.52
C LYS A 223 -10.56 19.73 -10.11
N LEU A 224 -9.89 18.68 -9.64
CA LEU A 224 -8.53 18.38 -10.05
C LEU A 224 -7.64 19.59 -9.79
N GLU A 225 -7.74 20.13 -8.59
CA GLU A 225 -7.06 21.36 -8.24
C GLU A 225 -5.75 21.07 -7.51
N TYR A 226 -4.66 21.03 -8.27
CA TYR A 226 -3.33 20.85 -7.68
C TYR A 226 -2.27 21.40 -8.62
N ASP A 227 -1.04 21.52 -8.14
CA ASP A 227 0.03 22.13 -8.92
C ASP A 227 1.34 21.35 -8.78
N PHE A 228 2.22 21.44 -9.78
CA PHE A 228 3.54 20.83 -9.69
C PHE A 228 4.58 21.88 -9.26
N PRO A 229 5.53 21.48 -8.39
CA PRO A 229 6.71 22.30 -8.11
C PRO A 229 7.56 22.44 -9.35
N GLU A 230 8.39 23.48 -9.38
CA GLU A 230 9.28 23.70 -10.50
C GLU A 230 10.40 22.64 -10.56
N LYS A 231 10.75 22.09 -9.40
CA LYS A 231 11.87 21.14 -9.34
C LYS A 231 11.46 19.71 -9.65
N PHE A 232 10.28 19.54 -10.25
CA PHE A 232 9.69 18.21 -10.42
C PHE A 232 10.21 17.58 -11.71
N PHE A 233 10.79 16.37 -11.62
CA PHE A 233 11.36 15.71 -12.78
C PHE A 233 10.31 15.64 -13.89
N PRO A 234 10.67 16.10 -15.10
CA PRO A 234 9.76 16.22 -16.23
C PRO A 234 9.05 14.94 -16.71
N LYS A 235 9.81 13.88 -16.96
CA LYS A 235 9.19 12.63 -17.38
C LYS A 235 8.33 12.07 -16.25
N ALA A 236 8.65 12.47 -15.02
CA ALA A 236 7.89 11.98 -13.88
C ALA A 236 6.65 12.85 -13.72
N ARG A 237 6.73 14.10 -14.14
CA ARG A 237 5.53 14.94 -14.15
C ARG A 237 4.57 14.46 -15.25
N ASP A 238 5.10 14.15 -16.42
CA ASP A 238 4.25 13.66 -17.50
C ASP A 238 3.51 12.37 -17.13
N LEU A 239 4.16 11.50 -16.37
CA LEU A 239 3.53 10.25 -15.91
C LEU A 239 2.41 10.52 -14.91
N VAL A 240 2.66 11.43 -13.97
CA VAL A 240 1.68 11.78 -12.96
C VAL A 240 0.44 12.37 -13.61
N GLU A 241 0.63 13.09 -14.71
CA GLU A 241 -0.48 13.68 -15.45
C GLU A 241 -1.28 12.62 -16.23
N LYS A 242 -0.67 11.48 -16.51
CA LYS A 242 -1.40 10.42 -17.21
C LYS A 242 -2.05 9.48 -16.22
N LEU A 243 -1.79 9.72 -14.93
CA LEU A 243 -2.37 8.96 -13.83
C LEU A 243 -3.49 9.74 -13.11
N LEU A 244 -3.20 10.99 -12.76
CA LEU A 244 -4.21 11.82 -12.11
C LEU A 244 -5.12 12.41 -13.18
N VAL A 245 -5.99 11.56 -13.73
CA VAL A 245 -6.99 11.93 -14.72
C VAL A 245 -8.38 11.65 -14.13
N LEU A 246 -9.33 12.57 -14.35
CA LEU A 246 -10.65 12.47 -13.74
C LEU A 246 -11.45 11.27 -14.28
N ASP A 247 -11.43 11.10 -15.60
CA ASP A 247 -12.03 9.94 -16.25
C ASP A 247 -11.19 8.69 -15.94
N ALA A 248 -11.76 7.77 -15.18
CA ALA A 248 -11.00 6.60 -14.75
C ALA A 248 -10.60 5.72 -15.92
N THR A 249 -11.40 5.69 -16.99
CA THR A 249 -11.10 4.82 -18.12
C THR A 249 -9.92 5.34 -18.94
N LYS A 250 -9.47 6.55 -18.64
CA LYS A 250 -8.37 7.17 -19.40
C LYS A 250 -7.02 7.12 -18.67
N ARG A 251 -6.96 6.40 -17.54
CA ARG A 251 -5.71 6.31 -16.78
C ARG A 251 -4.73 5.27 -17.33
N LEU A 252 -3.47 5.65 -17.41
CA LEU A 252 -2.41 4.75 -17.88
C LEU A 252 -2.36 3.51 -16.98
N GLY A 253 -2.47 2.34 -17.60
CA GLY A 253 -2.40 1.11 -16.84
C GLY A 253 -3.72 0.38 -16.68
N CYS A 254 -4.84 1.05 -16.98
CA CYS A 254 -6.14 0.43 -16.86
C CYS A 254 -6.46 -0.37 -18.11
N GLU A 255 -7.49 -1.21 -18.04
CA GLU A 255 -7.83 -2.12 -19.13
C GLU A 255 -8.23 -1.37 -20.39
N GLU A 256 -9.03 -0.32 -20.24
CA GLU A 256 -9.48 0.46 -21.38
C GLU A 256 -8.32 1.18 -22.04
N MET A 257 -7.20 1.30 -21.33
CA MET A 257 -5.98 1.87 -21.90
C MET A 257 -4.97 0.77 -22.23
N GLU A 258 -5.46 -0.47 -22.27
CA GLU A 258 -4.70 -1.63 -22.69
C GLU A 258 -3.67 -2.13 -21.66
N GLY A 259 -3.82 -1.75 -20.40
CA GLY A 259 -3.13 -2.46 -19.33
C GLY A 259 -1.75 -1.97 -18.93
N TYR A 260 -0.98 -2.86 -18.31
CA TYR A 260 0.32 -2.50 -17.75
C TYR A 260 1.43 -2.40 -18.79
N GLY A 261 1.25 -3.05 -19.93
CA GLY A 261 2.20 -2.90 -21.02
C GLY A 261 2.59 -1.44 -21.27
N PRO A 262 1.63 -0.59 -21.66
CA PRO A 262 1.88 0.83 -21.93
C PRO A 262 2.40 1.65 -20.73
N LEU A 263 1.98 1.31 -19.51
CA LEU A 263 2.44 1.96 -18.29
C LEU A 263 3.92 1.74 -17.99
N LYS A 264 4.39 0.52 -18.18
CA LYS A 264 5.78 0.19 -17.88
C LYS A 264 6.70 0.72 -18.98
N ALA A 265 6.11 0.96 -20.14
CA ALA A 265 6.85 1.48 -21.29
C ALA A 265 7.07 3.00 -21.23
N HIS A 266 6.40 3.67 -20.29
CA HIS A 266 6.58 5.10 -20.15
C HIS A 266 8.05 5.47 -20.05
N PRO A 267 8.44 6.61 -20.63
CA PRO A 267 9.81 7.15 -20.65
C PRO A 267 10.49 7.34 -19.29
N PHE A 268 9.69 7.49 -18.23
CA PHE A 268 10.25 7.67 -16.89
C PHE A 268 10.89 6.38 -16.44
N PHE A 269 10.46 5.27 -17.03
CA PHE A 269 10.96 3.95 -16.66
C PHE A 269 12.00 3.45 -17.67
N GLU A 270 12.47 4.35 -18.52
CA GLU A 270 13.32 3.98 -19.64
C GLU A 270 14.35 2.90 -19.29
N SER A 271 15.04 3.09 -18.18
CA SER A 271 16.18 2.25 -17.85
C SER A 271 15.89 1.11 -16.87
N VAL A 272 14.62 0.81 -16.63
CA VAL A 272 14.27 -0.20 -15.64
C VAL A 272 14.27 -1.62 -16.22
N THR A 273 14.87 -2.58 -15.51
CA THR A 273 14.62 -3.98 -15.84
C THR A 273 13.54 -4.54 -14.92
N TRP A 274 12.40 -4.87 -15.50
CA TRP A 274 11.19 -5.11 -14.73
C TRP A 274 11.14 -6.51 -14.14
N GLU A 275 12.03 -7.37 -14.61
CA GLU A 275 11.86 -8.80 -14.47
C GLU A 275 12.40 -9.38 -13.16
N ASN A 276 13.28 -8.65 -12.49
CA ASN A 276 13.97 -9.18 -11.31
C ASN A 276 14.26 -8.10 -10.28
N LEU A 277 13.35 -7.14 -10.13
CA LEU A 277 13.58 -5.97 -9.31
C LEU A 277 13.99 -6.31 -7.88
N HIS A 278 13.43 -7.37 -7.34
CA HIS A 278 13.69 -7.68 -5.94
C HIS A 278 15.03 -8.40 -5.78
N GLN A 279 15.65 -8.73 -6.90
CA GLN A 279 17.00 -9.29 -6.94
C GLN A 279 18.03 -8.18 -7.00
N GLN A 280 17.60 -6.99 -7.41
CA GLN A 280 18.49 -5.85 -7.58
C GLN A 280 18.77 -5.14 -6.25
N THR A 281 19.91 -4.43 -6.18
CA THR A 281 20.25 -3.68 -4.97
C THR A 281 19.60 -2.31 -5.05
N PRO A 282 18.78 -1.95 -4.04
CA PRO A 282 18.15 -0.63 -4.07
C PRO A 282 19.17 0.49 -3.93
N PRO A 283 18.94 1.63 -4.59
CA PRO A 283 19.74 2.84 -4.42
C PRO A 283 19.58 3.41 -3.00
N LYS A 284 20.65 3.99 -2.45
CA LYS A 284 20.60 4.52 -1.09
C LYS A 284 19.73 5.76 -1.03
N LEU A 285 19.00 5.90 0.08
CA LEU A 285 18.10 7.03 0.26
C LEU A 285 18.81 8.23 0.89
N THR A 286 18.78 9.35 0.17
CA THR A 286 19.33 10.60 0.68
C THR A 286 18.74 11.76 -0.11
S SO4 B . -7.97 -19.62 13.79
O1 SO4 B . -9.23 -19.79 13.04
O2 SO4 B . -6.83 -19.91 12.89
O3 SO4 B . -7.92 -20.55 14.94
O4 SO4 B . -7.87 -18.23 14.27
S SO4 C . 14.18 -18.13 8.41
O1 SO4 C . 15.52 -17.57 8.16
O2 SO4 C . 14.19 -19.58 8.12
O3 SO4 C . 13.19 -17.47 7.53
O4 SO4 C . 13.82 -17.90 9.82
N22 517 D . 7.51 -2.82 11.18
C24 517 D . 8.59 -2.18 11.63
C25 517 D . 8.20 -1.01 12.10
C26 517 D . 6.89 -0.91 11.94
C21 517 D . 6.45 -2.03 11.37
C19 517 D . 5.08 -2.33 11.07
C20 517 D . 4.06 -1.23 11.40
C5 517 D . 4.65 -3.60 10.49
C7 517 D . 3.34 -3.91 10.06
C8 517 D . 2.11 -3.22 10.01
C3 517 D . 5.41 -4.74 10.25
O4 517 D . 6.61 -4.90 10.52
N1 517 D . 4.66 -5.69 9.70
C6 517 D . 3.41 -5.23 9.57
C11 517 D . 2.26 -5.85 9.03
C10 517 D . 1.05 -5.15 8.98
C9 517 D . 0.95 -3.82 9.47
N12 517 D . -0.20 -3.12 9.46
C14 517 D . -1.40 -3.52 8.96
O15 517 D . -1.57 -4.59 8.38
N16 517 D . -2.40 -2.65 9.09
C1 GOL E . -9.23 1.02 10.00
O1 GOL E . -9.11 2.09 9.06
C2 GOL E . -7.83 0.58 10.48
O2 GOL E . -7.16 1.69 11.10
C3 GOL E . -7.97 -0.57 11.48
O3 GOL E . -6.68 -0.98 11.93
C1 GOL F . 6.16 -10.43 27.66
O1 GOL F . 7.46 -10.35 28.22
C2 GOL F . 5.93 -11.83 27.11
O2 GOL F . 6.05 -12.77 28.18
C3 GOL F . 4.54 -11.92 26.50
O3 GOL F . 4.33 -13.24 26.00
C1 GOL G . -1.53 -11.99 25.71
O1 GOL G . -0.47 -12.30 24.80
C2 GOL G . -1.72 -10.48 25.78
O2 GOL G . -2.05 -9.98 24.47
C3 GOL G . -2.86 -10.16 26.76
O3 GOL G . -3.06 -8.74 26.84
C1 GOL H . -9.47 -3.49 9.12
O1 GOL H . -10.87 -3.73 9.03
C2 GOL H . -8.81 -4.59 9.94
O2 GOL H . -9.03 -5.86 9.32
C3 GOL H . -7.30 -4.33 10.04
O3 GOL H . -6.66 -5.35 10.80
#